data_6EXW
#
_entry.id   6EXW
#
_cell.length_a   53.799
_cell.length_b   53.799
_cell.length_c   176.627
_cell.angle_alpha   90
_cell.angle_beta   90
_cell.angle_gamma   120
#
_symmetry.space_group_name_H-M   'P 32 2 1'
#
loop_
_entity.id
_entity.type
_entity.pdbx_description
1 polymer 'Baculoviral IAP repeat-containing protein 2'
2 non-polymer 'ZINC ION'
3 non-polymer (3~{S},6~{S},7~{R},9~{a}~{S})-6-[[(2~{S})-2-(methylamino)propanoyl]amino]-5-oxidanylidene-~{N}-(phenylmethyl)-7-[(propanoylamino)methyl]-3,6,7,8,9,9~{a}-hexahydropyrrolo[1,2-a]azepine-3-carboxamide
4 water water
#
_entity_poly.entity_id   1
_entity_poly.type   'polypeptide(L)'
_entity_poly.pdbx_seq_one_letter_code
;MENSLETLRFSISNLSMQTHAARMRTFMYWPSSVPVQPEQLASAGFYYVGRNDDVKCFCCDGGLRCWESGDDPWVEHAKW
FPRCEFLIRMKGQEFVDEIQGRYPHLLEQLLSTSLEHHHHHH
;
_entity_poly.pdbx_strand_id   A,C
#
# COMPACT_ATOMS: atom_id res chain seq x y z
N SER A 11 11.16 3.78 -20.83
CA SER A 11 10.07 3.21 -21.68
C SER A 11 8.80 2.87 -20.87
N ILE A 12 7.73 2.65 -21.62
CA ILE A 12 6.38 2.43 -21.08
C ILE A 12 6.29 1.04 -20.44
N SER A 13 5.71 0.98 -19.24
CA SER A 13 5.61 -0.29 -18.50
C SER A 13 4.56 -1.29 -19.06
N ASN A 14 3.37 -0.81 -19.37
CA ASN A 14 2.28 -1.64 -19.93
C ASN A 14 1.72 -0.98 -21.18
N LEU A 15 2.17 -1.45 -22.34
CA LEU A 15 1.82 -0.86 -23.63
C LEU A 15 0.43 -1.24 -24.05
N SER A 16 -0.13 -2.29 -23.44
CA SER A 16 -1.51 -2.65 -23.79
C SER A 16 -2.47 -1.59 -23.19
N MET A 17 -1.98 -0.83 -22.18
CA MET A 17 -2.82 0.21 -21.52
C MET A 17 -2.47 1.67 -21.86
N GLN A 18 -1.94 1.88 -23.06
CA GLN A 18 -1.30 3.12 -23.47
C GLN A 18 -2.36 4.08 -23.93
N THR A 19 -3.40 3.52 -24.56
CA THR A 19 -4.62 4.24 -24.90
C THR A 19 -5.51 4.54 -23.69
N HIS A 20 -6.14 5.71 -23.69
CA HIS A 20 -7.25 6.05 -22.79
C HIS A 20 -8.45 5.09 -22.92
N ALA A 21 -8.89 4.83 -24.14
CA ALA A 21 -9.95 3.83 -24.37
C ALA A 21 -9.71 2.44 -23.75
N ALA A 22 -8.50 1.90 -23.90
CA ALA A 22 -8.16 0.63 -23.29
C ALA A 22 -8.19 0.72 -21.77
N ARG A 23 -7.67 1.81 -21.20
CA ARG A 23 -7.68 2.00 -19.75
C ARG A 23 -9.12 2.06 -19.27
N MET A 24 -9.90 2.79 -20.02
CA MET A 24 -11.32 2.95 -19.70
C MET A 24 -12.06 1.61 -19.70
N ARG A 25 -11.70 0.69 -20.60
CA ARG A 25 -12.43 -0.58 -20.61
C ARG A 25 -12.25 -1.34 -19.28
N THR A 26 -11.13 -1.08 -18.60
CA THR A 26 -10.77 -1.87 -17.45
C THR A 26 -11.67 -1.56 -16.26
N PHE A 27 -12.45 -0.48 -16.36
CA PHE A 27 -13.26 -0.07 -15.23
C PHE A 27 -14.68 -0.65 -15.21
N MET A 28 -15.00 -1.55 -16.14
CA MET A 28 -16.31 -2.25 -16.16
C MET A 28 -16.93 -2.55 -14.79
N TYR A 29 -16.16 -3.15 -13.90
CA TYR A 29 -16.68 -3.57 -12.57
C TYR A 29 -16.08 -2.67 -11.46
N TRP A 30 -15.88 -1.39 -11.78
CA TRP A 30 -15.33 -0.43 -10.80
C TRP A 30 -16.35 -0.31 -9.70
N PRO A 31 -15.91 -0.39 -8.43
CA PRO A 31 -16.83 -0.30 -7.30
C PRO A 31 -17.60 1.00 -7.19
N SER A 32 -18.88 0.93 -6.84
CA SER A 32 -19.67 2.13 -6.59
C SER A 32 -19.36 2.84 -5.28
N SER A 33 -18.76 2.19 -4.31
CA SER A 33 -18.50 2.87 -3.05
C SER A 33 -17.44 3.96 -3.20
N VAL A 34 -16.78 3.99 -4.34
CA VAL A 34 -15.51 4.66 -4.48
C VAL A 34 -15.73 5.98 -5.25
N PRO A 35 -15.45 7.12 -4.61
CA PRO A 35 -16.04 8.37 -5.12
C PRO A 35 -15.37 8.89 -6.42
N VAL A 36 -14.14 8.48 -6.69
CA VAL A 36 -13.44 8.93 -7.87
C VAL A 36 -13.99 8.19 -9.09
N GLN A 37 -14.05 8.89 -10.21
CA GLN A 37 -14.62 8.33 -11.43
C GLN A 37 -13.55 7.80 -12.38
N PRO A 38 -13.90 6.75 -13.14
CA PRO A 38 -13.04 6.12 -14.15
C PRO A 38 -12.38 7.06 -15.13
N GLU A 39 -13.16 7.99 -15.64
CA GLU A 39 -12.68 9.05 -16.52
C GLU A 39 -11.52 9.79 -15.94
N GLN A 40 -11.64 10.34 -14.73
CA GLN A 40 -10.52 11.09 -14.12
C GLN A 40 -9.31 10.16 -13.92
N LEU A 41 -9.54 8.89 -13.57
CA LEU A 41 -8.44 7.97 -13.35
C LEU A 41 -7.77 7.57 -14.63
N ALA A 42 -8.56 7.32 -15.67
CA ALA A 42 -8.03 6.82 -16.92
C ALA A 42 -7.18 7.92 -17.58
N SER A 43 -7.67 9.15 -17.46
CA SER A 43 -6.99 10.32 -17.98
C SER A 43 -5.67 10.51 -17.27
N ALA A 44 -5.57 10.10 -16.00
CA ALA A 44 -4.31 10.28 -15.25
C ALA A 44 -3.33 9.15 -15.51
N GLY A 45 -3.69 8.27 -16.44
CA GLY A 45 -2.80 7.21 -16.86
C GLY A 45 -3.13 5.87 -16.21
N PHE A 46 -4.18 5.80 -15.40
CA PHE A 46 -4.43 4.67 -14.52
C PHE A 46 -5.43 3.70 -15.16
N TYR A 47 -5.23 2.39 -14.97
CA TYR A 47 -6.27 1.38 -15.28
C TYR A 47 -6.56 0.53 -14.06
N TYR A 48 -7.70 -0.13 -14.09
CA TYR A 48 -8.19 -0.96 -12.97
C TYR A 48 -7.62 -2.38 -13.03
N VAL A 49 -7.11 -2.90 -11.91
CA VAL A 49 -6.52 -4.25 -11.91
C VAL A 49 -7.46 -5.36 -11.37
N GLY A 50 -8.71 -4.98 -11.11
CA GLY A 50 -9.81 -5.90 -10.83
C GLY A 50 -10.00 -6.29 -9.36
N ARG A 51 -9.39 -5.53 -8.47
CA ARG A 51 -9.22 -5.91 -7.09
C ARG A 51 -9.45 -4.66 -6.28
N ASN A 52 -10.54 -4.66 -5.53
CA ASN A 52 -10.88 -3.58 -4.63
C ASN A 52 -10.89 -2.26 -5.37
N ASP A 53 -10.19 -1.21 -4.89
CA ASP A 53 -10.02 0.01 -5.69
C ASP A 53 -8.56 0.21 -6.24
N ASP A 54 -7.86 -0.90 -6.44
CA ASP A 54 -6.48 -0.89 -6.96
C ASP A 54 -6.36 -0.47 -8.44
N VAL A 55 -5.60 0.61 -8.68
CA VAL A 55 -5.23 0.98 -10.05
C VAL A 55 -3.74 1.15 -10.22
N LYS A 56 -3.31 0.96 -11.47
CA LYS A 56 -1.89 1.06 -11.84
C LYS A 56 -1.71 2.00 -13.06
N CYS A 57 -0.63 2.82 -13.08
CA CYS A 57 -0.25 3.62 -14.26
C CYS A 57 0.37 2.74 -15.32
N PHE A 58 -0.13 2.87 -16.54
CA PHE A 58 0.47 2.17 -17.71
C PHE A 58 1.95 2.52 -17.90
N CYS A 59 2.38 3.68 -17.42
CA CYS A 59 3.72 4.17 -17.74
C CYS A 59 4.68 3.75 -16.65
N CYS A 60 4.46 4.22 -15.42
CA CYS A 60 5.47 4.01 -14.39
C CYS A 60 5.22 2.72 -13.61
N ASP A 61 4.08 2.07 -13.86
CA ASP A 61 3.65 0.87 -13.12
C ASP A 61 3.40 1.10 -11.60
N GLY A 62 3.29 2.36 -11.17
CA GLY A 62 2.98 2.69 -9.76
C GLY A 62 1.50 2.43 -9.52
N GLY A 63 1.22 1.85 -8.36
CA GLY A 63 -0.13 1.51 -7.98
C GLY A 63 -0.58 2.48 -6.96
N LEU A 64 -1.85 2.88 -7.09
CA LEU A 64 -2.56 3.50 -6.04
C LEU A 64 -3.84 2.75 -5.67
N ARG A 65 -4.24 2.91 -4.40
CA ARG A 65 -5.48 2.36 -3.85
C ARG A 65 -6.02 3.26 -2.74
N CYS A 66 -7.19 2.91 -2.17
CA CYS A 66 -7.75 3.65 -1.04
C CYS A 66 -8.01 5.11 -1.40
N TRP A 67 -8.80 5.24 -2.44
CA TRP A 67 -9.19 6.53 -2.99
C TRP A 67 -10.27 7.16 -2.11
N GLU A 68 -10.11 8.45 -1.81
CA GLU A 68 -10.96 9.12 -0.82
C GLU A 68 -11.73 10.20 -1.55
N SER A 69 -12.84 10.66 -0.98
CA SER A 69 -13.58 11.77 -1.60
C SER A 69 -12.69 13.03 -1.67
N GLY A 70 -12.81 13.75 -2.79
CA GLY A 70 -11.91 14.86 -3.13
C GLY A 70 -10.55 14.54 -3.77
N ASP A 71 -10.11 13.29 -3.69
CA ASP A 71 -8.92 12.84 -4.42
C ASP A 71 -8.89 13.22 -5.91
N ASP A 72 -7.76 13.79 -6.30
CA ASP A 72 -7.47 14.21 -7.66
C ASP A 72 -6.41 13.27 -8.24
N PRO A 73 -6.76 12.45 -9.24
CA PRO A 73 -5.77 11.43 -9.62
C PRO A 73 -4.38 11.94 -10.03
N TRP A 74 -4.34 13.06 -10.72
CA TRP A 74 -3.07 13.64 -11.13
C TRP A 74 -2.25 14.03 -9.93
N VAL A 75 -2.90 14.62 -8.93
CA VAL A 75 -2.17 15.06 -7.75
C VAL A 75 -1.60 13.87 -7.03
N GLU A 76 -2.43 12.85 -6.84
CA GLU A 76 -1.97 11.60 -6.19
C GLU A 76 -0.82 10.92 -6.96
N HIS A 77 -0.89 10.99 -8.29
CA HIS A 77 0.21 10.56 -9.19
C HIS A 77 1.52 11.28 -8.87
N ALA A 78 1.46 12.60 -8.77
CA ALA A 78 2.65 13.41 -8.52
C ALA A 78 3.15 13.30 -7.09
N LYS A 79 2.25 12.96 -6.17
CA LYS A 79 2.61 12.73 -4.77
C LYS A 79 3.55 11.55 -4.62
N TRP A 80 3.27 10.45 -5.34
CA TRP A 80 3.87 9.16 -5.01
C TRP A 80 4.81 8.65 -6.09
N PHE A 81 4.59 9.07 -7.34
CA PHE A 81 5.38 8.69 -8.50
C PHE A 81 5.71 9.93 -9.33
N PRO A 82 6.39 10.90 -8.68
CA PRO A 82 6.76 12.15 -9.29
C PRO A 82 7.70 12.08 -10.48
N ARG A 83 8.46 10.99 -10.64
CA ARG A 83 9.29 10.84 -11.81
C ARG A 83 8.62 10.02 -12.91
N CYS A 84 7.31 9.77 -12.83
CA CYS A 84 6.66 9.16 -14.00
C CYS A 84 6.74 10.07 -15.27
N GLU A 85 7.15 9.51 -16.40
CA GLU A 85 7.35 10.37 -17.57
C GLU A 85 6.02 10.79 -18.16
N PHE A 86 5.03 9.90 -18.15
CA PHE A 86 3.70 10.30 -18.63
C PHE A 86 3.11 11.46 -17.80
N LEU A 87 3.16 11.33 -16.48
CA LEU A 87 2.84 12.43 -15.58
C LEU A 87 3.53 13.78 -15.96
N ILE A 88 4.83 13.75 -16.14
CA ILE A 88 5.62 14.96 -16.43
C ILE A 88 5.28 15.54 -17.80
N ARG A 89 5.15 14.67 -18.79
CA ARG A 89 4.79 15.09 -20.14
C ARG A 89 3.41 15.69 -20.15
N MET A 90 2.45 15.10 -19.45
CA MET A 90 1.07 15.66 -19.43
C MET A 90 0.88 16.82 -18.49
N LYS A 91 1.53 16.84 -17.34
CA LYS A 91 1.21 17.90 -16.34
C LYS A 91 2.40 18.80 -16.06
N GLY A 92 3.59 18.37 -16.45
CA GLY A 92 4.75 19.27 -16.55
C GLY A 92 5.47 19.32 -15.21
N GLN A 93 6.72 19.73 -15.24
CA GLN A 93 7.64 19.53 -14.13
C GLN A 93 7.33 20.53 -13.00
N GLU A 94 6.80 21.69 -13.37
CA GLU A 94 6.29 22.68 -12.38
C GLU A 94 5.18 22.13 -11.44
N PHE A 95 4.18 21.51 -12.05
CA PHE A 95 3.08 20.93 -11.32
C PHE A 95 3.57 19.93 -10.30
N VAL A 96 4.50 19.10 -10.77
CA VAL A 96 5.04 18.03 -9.98
C VAL A 96 5.89 18.64 -8.83
N ASP A 97 6.73 19.62 -9.15
CA ASP A 97 7.60 20.27 -8.14
C ASP A 97 6.76 20.87 -7.06
N GLU A 98 5.71 21.59 -7.45
CA GLU A 98 4.71 22.15 -6.51
C GLU A 98 4.10 21.12 -5.52
N ILE A 99 3.75 19.94 -6.03
CA ILE A 99 3.16 18.89 -5.20
C ILE A 99 4.23 18.39 -4.24
N GLN A 100 5.41 18.12 -4.77
CA GLN A 100 6.50 17.63 -3.96
C GLN A 100 6.98 18.66 -2.91
N GLY A 101 6.87 19.94 -3.21
CA GLY A 101 7.31 20.99 -2.28
C GLY A 101 6.27 21.15 -1.19
N ARG A 102 5.04 20.70 -1.48
CA ARG A 102 3.97 20.75 -0.48
C ARG A 102 3.95 19.45 0.38
N TYR A 103 4.45 18.34 -0.15
CA TYR A 103 4.62 17.11 0.62
C TYR A 103 6.08 16.67 0.62
N PRO A 104 6.97 17.49 1.23
CA PRO A 104 8.42 17.27 1.17
C PRO A 104 8.97 16.01 1.91
N HIS A 105 8.16 15.43 2.81
CA HIS A 105 8.63 14.35 3.65
C HIS A 105 7.91 13.00 3.40
N LEU A 106 6.92 12.96 2.51
CA LEU A 106 6.61 11.73 1.76
C LEU A 106 7.62 11.29 0.72
N LEU A 107 7.88 9.99 0.68
CA LEU A 107 9.06 9.33 0.08
C LEU A 107 10.47 9.80 0.57
N GLU A 108 10.54 10.43 1.75
CA GLU A 108 11.80 10.60 2.50
C GLU A 108 12.00 9.43 3.47
N PHE B 10 9.24 -19.79 1.17
CA PHE B 10 10.22 -20.88 1.45
C PHE B 10 10.96 -20.70 2.80
N SER B 11 11.17 -19.45 3.23
CA SER B 11 12.05 -19.15 4.36
C SER B 11 11.96 -17.67 4.85
N ILE B 12 12.66 -17.39 5.93
CA ILE B 12 12.63 -16.06 6.58
C ILE B 12 13.17 -14.99 5.66
N SER B 13 12.39 -13.95 5.45
CA SER B 13 12.78 -12.88 4.53
C SER B 13 13.85 -11.97 5.14
N ASN B 14 13.84 -11.76 6.45
CA ASN B 14 14.80 -10.82 7.02
C ASN B 14 15.29 -11.31 8.36
N LEU B 15 16.34 -12.12 8.28
CA LEU B 15 17.06 -12.69 9.41
C LEU B 15 17.45 -11.63 10.45
N SER B 16 17.83 -10.45 9.97
CA SER B 16 18.33 -9.39 10.85
C SER B 16 17.21 -8.95 11.77
N MET B 17 15.97 -9.23 11.37
CA MET B 17 14.80 -8.82 12.16
C MET B 17 14.07 -9.96 12.88
N GLN B 18 14.73 -11.10 12.98
CA GLN B 18 14.15 -12.29 13.60
C GLN B 18 13.95 -12.12 15.11
N THR B 19 14.82 -11.39 15.78
CA THR B 19 14.61 -11.12 17.22
C THR B 19 13.70 -9.93 17.50
N HIS B 20 12.90 -10.09 18.55
CA HIS B 20 11.95 -9.08 18.98
C HIS B 20 12.67 -7.78 19.36
N ALA B 21 13.80 -7.91 20.05
CA ALA B 21 14.59 -6.74 20.43
C ALA B 21 15.18 -6.02 19.24
N ALA B 22 15.55 -6.75 18.18
CA ALA B 22 16.01 -6.04 16.97
C ALA B 22 14.86 -5.23 16.35
N ARG B 23 13.67 -5.85 16.33
CA ARG B 23 12.47 -5.19 15.81
C ARG B 23 12.08 -4.01 16.67
N MET B 24 12.17 -4.17 17.97
CA MET B 24 11.80 -3.07 18.86
C MET B 24 12.65 -1.84 18.59
N ARG B 25 13.92 -2.04 18.28
CA ARG B 25 14.86 -0.94 18.06
C ARG B 25 14.49 -0.14 16.80
N THR B 26 13.79 -0.76 15.85
CA THR B 26 13.43 -0.08 14.64
C THR B 26 12.39 1.00 14.88
N PHE B 27 11.65 0.87 15.96
CA PHE B 27 10.62 1.85 16.26
C PHE B 27 11.10 2.97 17.15
N MET B 28 12.38 3.35 17.04
CA MET B 28 12.91 4.47 17.82
C MET B 28 12.22 5.80 17.39
N TYR B 29 12.14 6.05 16.08
CA TYR B 29 11.47 7.24 15.54
C TYR B 29 10.08 6.97 14.92
N TRP B 30 9.42 5.91 15.39
CA TRP B 30 7.99 5.73 15.18
C TRP B 30 7.24 6.98 15.61
N PRO B 31 6.52 7.60 14.68
CA PRO B 31 5.85 8.87 14.97
C PRO B 31 4.74 8.77 16.03
N SER B 32 4.71 9.73 16.94
CA SER B 32 3.75 9.78 18.02
C SER B 32 2.34 9.64 17.50
N SER B 33 2.13 10.09 16.28
CA SER B 33 0.78 10.30 15.79
C SER B 33 0.15 8.99 15.33
N VAL B 34 0.95 7.95 15.19
CA VAL B 34 0.43 6.68 14.72
C VAL B 34 -0.17 5.84 15.87
N PRO B 35 -1.49 5.54 15.81
CA PRO B 35 -2.16 5.08 17.02
C PRO B 35 -1.99 3.56 17.30
N VAL B 36 -0.77 3.05 17.11
CA VAL B 36 -0.45 1.66 17.40
C VAL B 36 0.91 1.52 18.11
N GLN B 37 0.99 0.55 19.02
CA GLN B 37 2.13 0.40 19.92
C GLN B 37 3.21 -0.40 19.20
N PRO B 38 4.44 0.11 19.23
CA PRO B 38 5.61 -0.64 18.77
C PRO B 38 5.64 -2.08 19.28
N GLU B 39 5.37 -2.28 20.56
CA GLU B 39 5.51 -3.61 21.19
C GLU B 39 4.49 -4.60 20.64
N GLN B 40 3.30 -4.12 20.31
CA GLN B 40 2.30 -4.98 19.69
C GLN B 40 2.74 -5.40 18.32
N LEU B 41 3.32 -4.45 17.59
CA LEU B 41 3.80 -4.68 16.22
C LEU B 41 5.00 -5.58 16.20
N ALA B 42 6.00 -5.23 17.01
CA ALA B 42 7.20 -6.04 17.13
C ALA B 42 6.82 -7.50 17.51
N SER B 43 5.88 -7.68 18.45
CA SER B 43 5.49 -9.05 18.86
C SER B 43 4.69 -9.79 17.76
N ALA B 44 4.05 -9.04 16.85
CA ALA B 44 3.43 -9.68 15.68
C ALA B 44 4.38 -9.81 14.46
N GLY B 45 5.66 -9.53 14.66
CA GLY B 45 6.70 -9.84 13.68
C GLY B 45 7.14 -8.67 12.83
N PHE B 46 6.59 -7.49 13.09
CA PHE B 46 6.71 -6.34 12.21
C PHE B 46 7.90 -5.49 12.66
N TYR B 47 8.66 -4.91 11.72
CA TYR B 47 9.66 -3.87 12.05
C TYR B 47 9.33 -2.63 11.23
N TYR B 48 9.69 -1.49 11.79
CA TYR B 48 9.54 -0.22 11.11
C TYR B 48 10.56 -0.09 9.95
N VAL B 49 10.08 0.22 8.75
CA VAL B 49 10.97 0.39 7.60
C VAL B 49 11.45 1.86 7.45
N GLY B 50 11.08 2.73 8.38
CA GLY B 50 11.63 4.09 8.43
C GLY B 50 11.03 5.07 7.43
N ARG B 51 9.86 4.74 6.86
CA ARG B 51 9.00 5.71 6.15
C ARG B 51 7.58 5.71 6.74
N ASN B 52 7.15 6.88 7.21
CA ASN B 52 5.74 7.21 7.45
C ASN B 52 5.35 6.19 8.54
N ASP B 53 4.35 5.34 8.28
CA ASP B 53 4.04 4.25 9.23
C ASP B 53 4.09 2.83 8.60
N ASP B 54 5.07 2.60 7.74
CA ASP B 54 5.21 1.35 7.02
C ASP B 54 6.00 0.40 7.91
N VAL B 55 5.50 -0.82 8.04
CA VAL B 55 6.20 -1.88 8.73
C VAL B 55 6.21 -3.08 7.81
N LYS B 56 7.16 -3.99 8.06
CA LYS B 56 7.18 -5.24 7.36
C LYS B 56 7.35 -6.37 8.35
N CYS B 57 6.82 -7.54 7.97
CA CYS B 57 7.04 -8.76 8.69
C CYS B 57 8.40 -9.33 8.35
N PHE B 58 9.16 -9.72 9.38
CA PHE B 58 10.48 -10.35 9.19
C PHE B 58 10.34 -11.70 8.51
N CYS B 59 9.22 -12.37 8.71
CA CYS B 59 9.14 -13.73 8.17
C CYS B 59 8.69 -13.68 6.70
N CYS B 60 7.50 -13.15 6.47
CA CYS B 60 6.81 -13.27 5.17
C CYS B 60 7.04 -12.08 4.29
N ASP B 61 7.59 -10.99 4.87
CA ASP B 61 7.89 -9.77 4.12
C ASP B 61 6.65 -9.04 3.66
N GLY B 62 5.51 -9.31 4.31
CA GLY B 62 4.30 -8.56 4.10
C GLY B 62 4.46 -7.16 4.70
N GLY B 63 4.04 -6.16 3.93
CA GLY B 63 4.04 -4.80 4.37
C GLY B 63 2.65 -4.35 4.73
N LEU B 64 2.57 -3.58 5.82
CA LEU B 64 1.33 -2.96 6.27
C LEU B 64 1.57 -1.52 6.62
N ARG B 65 0.57 -0.68 6.34
CA ARG B 65 0.61 0.74 6.61
C ARG B 65 -0.80 1.25 6.92
N CYS B 66 -0.86 2.50 7.35
CA CYS B 66 -2.11 3.22 7.56
C CYS B 66 -2.82 2.58 8.71
N TRP B 67 -2.12 2.60 9.84
CA TRP B 67 -2.61 2.00 11.05
C TRP B 67 -3.67 2.88 11.68
N GLU B 68 -4.67 2.26 12.27
CA GLU B 68 -5.82 2.99 12.82
C GLU B 68 -5.97 2.61 14.26
N SER B 69 -6.55 3.51 15.05
CA SER B 69 -6.67 3.23 16.46
C SER B 69 -7.47 1.96 16.57
N GLY B 70 -6.99 1.07 17.45
CA GLY B 70 -7.69 -0.16 17.80
C GLY B 70 -7.40 -1.30 16.85
N ASP B 71 -6.61 -1.05 15.81
CA ASP B 71 -6.03 -2.13 15.01
C ASP B 71 -5.22 -3.07 15.86
N ASP B 72 -5.46 -4.36 15.65
CA ASP B 72 -4.62 -5.39 16.24
C ASP B 72 -3.66 -5.90 15.18
N PRO B 73 -2.35 -5.70 15.40
CA PRO B 73 -1.38 -6.15 14.41
C PRO B 73 -1.54 -7.61 13.99
N TRP B 74 -1.88 -8.49 14.94
CA TRP B 74 -1.93 -9.92 14.68
C TRP B 74 -3.09 -10.19 13.72
N VAL B 75 -4.23 -9.55 13.98
CA VAL B 75 -5.44 -9.66 13.14
C VAL B 75 -5.17 -9.07 11.76
N GLU B 76 -4.56 -7.90 11.72
CA GLU B 76 -4.08 -7.37 10.41
C GLU B 76 -3.08 -8.29 9.70
N HIS B 77 -2.20 -8.93 10.46
CA HIS B 77 -1.23 -9.81 9.83
C HIS B 77 -2.05 -10.96 9.15
N ALA B 78 -3.10 -11.45 9.80
CA ALA B 78 -3.82 -12.63 9.33
C ALA B 78 -4.79 -12.29 8.23
N LYS B 79 -5.38 -11.11 8.36
CA LYS B 79 -6.25 -10.52 7.34
C LYS B 79 -5.56 -10.37 5.98
N TRP B 80 -4.33 -9.84 5.96
CA TRP B 80 -3.62 -9.57 4.70
C TRP B 80 -2.52 -10.57 4.28
N PHE B 81 -1.91 -11.28 5.24
CA PHE B 81 -0.87 -12.25 4.95
C PHE B 81 -1.12 -13.59 5.67
N PRO B 82 -2.23 -14.25 5.32
CA PRO B 82 -2.62 -15.50 5.98
C PRO B 82 -1.63 -16.68 5.92
N ARG B 83 -0.72 -16.71 4.94
CA ARG B 83 0.23 -17.81 4.82
C ARG B 83 1.53 -17.63 5.57
N CYS B 84 1.77 -16.46 6.15
CA CYS B 84 3.01 -16.30 6.92
C CYS B 84 3.19 -17.42 7.95
N GLU B 85 4.32 -18.12 7.88
CA GLU B 85 4.57 -19.21 8.81
C GLU B 85 4.83 -18.72 10.24
N PHE B 86 5.31 -17.48 10.42
CA PHE B 86 5.51 -16.94 11.78
C PHE B 86 4.16 -16.75 12.45
N LEU B 87 3.28 -16.11 11.71
CA LEU B 87 1.90 -15.95 12.10
C LEU B 87 1.22 -17.25 12.53
N ILE B 88 1.32 -18.27 11.68
CA ILE B 88 0.63 -19.52 11.93
C ILE B 88 1.23 -20.20 13.14
N ARG B 89 2.54 -20.17 13.25
CA ARG B 89 3.21 -20.74 14.41
CA ARG B 89 3.20 -20.74 14.41
C ARG B 89 2.67 -20.11 15.70
N MET B 90 2.56 -18.79 15.75
CA MET B 90 2.28 -18.11 17.02
C MET B 90 0.82 -18.10 17.35
N LYS B 91 0.01 -17.99 16.32
CA LYS B 91 -1.40 -17.69 16.48
C LYS B 91 -2.28 -18.86 16.03
N GLY B 92 -1.75 -19.73 15.17
CA GLY B 92 -2.40 -20.96 14.86
C GLY B 92 -3.35 -20.80 13.70
N GLN B 93 -3.56 -21.90 12.98
CA GLN B 93 -4.46 -21.96 11.81
C GLN B 93 -5.93 -21.61 12.10
N GLU B 94 -6.46 -22.00 13.25
CA GLU B 94 -7.82 -21.61 13.62
C GLU B 94 -8.07 -20.09 13.60
N PHE B 95 -7.18 -19.34 14.25
CA PHE B 95 -7.30 -17.89 14.33
C PHE B 95 -7.26 -17.27 12.95
N VAL B 96 -6.31 -17.74 12.16
CA VAL B 96 -6.15 -17.25 10.79
C VAL B 96 -7.34 -17.59 9.86
N ASP B 97 -7.91 -18.79 9.97
CA ASP B 97 -9.16 -19.17 9.22
C ASP B 97 -10.36 -18.31 9.64
N GLU B 98 -10.50 -18.10 10.95
CA GLU B 98 -11.57 -17.27 11.49
C GLU B 98 -11.51 -15.88 10.86
N ILE B 99 -10.30 -15.37 10.74
CA ILE B 99 -10.15 -14.04 10.20
C ILE B 99 -10.32 -14.09 8.69
N GLN B 100 -9.78 -15.08 8.08
CA GLN B 100 -9.92 -15.17 6.62
C GLN B 100 -11.40 -15.32 6.25
N GLY B 101 -12.13 -16.13 7.01
CA GLY B 101 -13.55 -16.37 6.72
C GLY B 101 -14.43 -15.13 6.77
N ARG B 102 -14.00 -14.11 7.54
CA ARG B 102 -14.68 -12.83 7.58
C ARG B 102 -14.48 -11.99 6.32
N TYR B 103 -13.44 -12.26 5.54
CA TYR B 103 -13.10 -11.38 4.42
C TYR B 103 -12.91 -12.11 3.09
N PRO B 104 -13.87 -12.97 2.70
CA PRO B 104 -13.79 -13.64 1.39
C PRO B 104 -13.68 -12.64 0.22
N HIS B 105 -14.11 -11.41 0.44
CA HIS B 105 -14.04 -10.37 -0.60
C HIS B 105 -12.67 -9.69 -0.87
N LEU B 106 -11.62 -9.99 -0.09
CA LEU B 106 -10.40 -9.15 -0.09
C LEU B 106 -9.15 -9.82 -0.70
#